data_7SR2
#
_entry.id   7SR2
#
_cell.length_a   44.035
_cell.length_b   75.864
_cell.length_c   51.109
_cell.angle_alpha   90.000
_cell.angle_beta   109.270
_cell.angle_gamma   90.000
#
_symmetry.space_group_name_H-M   'P 1 21 1'
#
loop_
_entity.id
_entity.type
_entity.pdbx_description
1 polymer 'Sorting nexin-25'
2 non-polymer 'ZINC ION'
3 non-polymer LEUCINE
4 non-polymer 'ACETATE ION'
5 water water
#
_entity_poly.entity_id   1
_entity_poly.type   'polypeptide(L)'
_entity_poly.pdbx_seq_one_letter_code
;SQKILQFEDILANTFYREHFGMYMERMDKRALISFWESVEHLKNANKNEIPQLVGEIYQNFFVESKEISVEKSLYKEIQQ
ALVGNKGIEVFYKIQEDVYETLKDRYYPSFIVSDLYEKLLIKEE
;
_entity_poly.pdbx_strand_id   A,B
#
loop_
_chem_comp.id
_chem_comp.type
_chem_comp.name
_chem_comp.formula
ACT non-polymer 'ACETATE ION' 'C2 H3 O2 -1'
ZN non-polymer 'ZINC ION' 'Zn 2'
#
# COMPACT_ATOMS: atom_id res chain seq x y z
N ILE A 4 -19.17 9.59 -1.62
CA ILE A 4 -19.58 8.27 -1.12
C ILE A 4 -18.43 7.27 -1.16
N LEU A 5 -17.88 6.96 0.01
CA LEU A 5 -16.75 6.06 0.13
C LEU A 5 -17.17 4.61 -0.06
N GLN A 6 -16.31 3.85 -0.72
CA GLN A 6 -16.46 2.41 -0.87
C GLN A 6 -15.31 1.74 -0.12
N PHE A 7 -15.32 0.40 -0.09
CA PHE A 7 -14.34 -0.32 0.72
C PHE A 7 -12.92 -0.02 0.26
N GLU A 8 -12.71 0.06 -1.06
CA GLU A 8 -11.41 0.43 -1.61
C GLU A 8 -10.96 1.79 -1.08
N ASP A 9 -11.88 2.75 -0.97
CA ASP A 9 -11.51 4.05 -0.44
C ASP A 9 -11.23 3.98 1.05
N ILE A 10 -11.88 3.06 1.77
CA ILE A 10 -11.66 2.95 3.21
C ILE A 10 -10.24 2.47 3.48
N LEU A 11 -9.80 1.46 2.74
CA LEU A 11 -8.49 0.87 2.97
C LEU A 11 -7.37 1.76 2.46
N ALA A 12 -7.63 2.59 1.46
CA ALA A 12 -6.58 3.40 0.87
C ALA A 12 -6.27 4.64 1.70
N ASN A 13 -7.23 5.15 2.48
CA ASN A 13 -7.01 6.27 3.37
C ASN A 13 -6.69 5.78 4.78
N THR A 14 -5.58 6.25 5.36
CA THR A 14 -5.14 5.73 6.64
C THR A 14 -6.08 6.15 7.76
N PHE A 15 -6.65 7.35 7.68
CA PHE A 15 -7.64 7.79 8.67
C PHE A 15 -8.87 6.88 8.60
N TYR A 16 -9.41 6.69 7.39
CA TYR A 16 -10.56 5.82 7.19
C TYR A 16 -10.26 4.39 7.63
N ARG A 17 -9.07 3.87 7.27
CA ARG A 17 -8.72 2.51 7.63
C ARG A 17 -8.58 2.33 9.14
N GLU A 18 -8.12 3.35 9.86
CA GLU A 18 -8.07 3.25 11.31
C GLU A 18 -9.46 3.14 11.91
N HIS A 19 -10.45 3.81 11.31
CA HIS A 19 -11.82 3.71 11.80
C HIS A 19 -12.42 2.35 11.47
N PHE A 20 -12.05 1.77 10.33
CA PHE A 20 -12.49 0.42 10.04
C PHE A 20 -11.87 -0.57 11.01
N GLY A 21 -10.60 -0.36 11.36
CA GLY A 21 -9.94 -1.24 12.31
C GLY A 21 -10.54 -1.16 13.70
N MET A 22 -10.88 0.06 14.14
CA MET A 22 -11.60 0.22 15.39
C MET A 22 -12.91 -0.53 15.37
N TYR A 23 -13.63 -0.48 14.23
CA TYR A 23 -14.84 -1.27 14.09
C TYR A 23 -14.54 -2.75 14.27
N MET A 24 -13.46 -3.24 13.68
CA MET A 24 -13.14 -4.66 13.78
C MET A 24 -12.75 -5.05 15.20
N GLU A 25 -12.20 -4.13 15.99
CA GLU A 25 -11.94 -4.43 17.38
C GLU A 25 -13.25 -4.50 18.16
N ARG A 26 -14.22 -3.65 17.81
CA ARG A 26 -15.56 -3.74 18.39
C ARG A 26 -16.26 -5.03 17.99
N MET A 27 -15.96 -5.55 16.80
CA MET A 27 -16.41 -6.88 16.40
C MET A 27 -15.48 -7.98 16.91
N ASP A 28 -14.49 -7.61 17.74
CA ASP A 28 -13.50 -8.52 18.30
C ASP A 28 -12.79 -9.36 17.22
N LYS A 29 -12.57 -8.80 16.04
CA LYS A 29 -11.86 -9.49 14.96
C LYS A 29 -10.87 -8.56 14.27
N ARG A 30 -10.05 -7.85 15.05
CA ARG A 30 -9.09 -6.93 14.45
C ARG A 30 -7.88 -7.64 13.86
N ALA A 31 -7.74 -8.95 14.09
CA ALA A 31 -6.66 -9.71 13.47
C ALA A 31 -6.85 -9.81 11.95
N LEU A 32 -8.08 -9.70 11.46
CA LEU A 32 -8.31 -9.80 10.03
C LEU A 32 -7.80 -8.56 9.31
N ILE A 33 -8.13 -7.37 9.83
CA ILE A 33 -7.56 -6.15 9.25
C ILE A 33 -6.06 -6.06 9.54
N SER A 34 -5.60 -6.54 10.71
CA SER A 34 -4.17 -6.46 11.03
C SER A 34 -3.37 -7.36 10.12
N PHE A 35 -3.89 -8.53 9.77
CA PHE A 35 -3.17 -9.40 8.84
C PHE A 35 -3.18 -8.79 7.46
N TRP A 36 -4.30 -8.17 7.07
CA TRP A 36 -4.36 -7.48 5.78
C TRP A 36 -3.37 -6.32 5.77
N GLU A 37 -3.23 -5.63 6.91
CA GLU A 37 -2.29 -4.51 6.97
C GLU A 37 -0.84 -4.98 6.90
N SER A 38 -0.54 -6.16 7.50
CA SER A 38 0.81 -6.69 7.49
C SER A 38 1.25 -7.09 6.09
N VAL A 39 0.38 -7.75 5.32
CA VAL A 39 0.74 -8.15 3.97
C VAL A 39 0.80 -6.93 3.04
N GLU A 40 0.04 -5.88 3.34
CA GLU A 40 0.19 -4.66 2.57
C GLU A 40 1.54 -4.02 2.82
N HIS A 41 2.05 -4.12 4.04
CA HIS A 41 3.42 -3.69 4.32
C HIS A 41 4.42 -4.53 3.56
N LEU A 42 4.28 -5.86 3.63
CA LEU A 42 5.18 -6.76 2.92
C LEU A 42 5.15 -6.51 1.42
N LYS A 43 3.98 -6.17 0.87
CA LYS A 43 3.88 -5.88 -0.57
C LYS A 43 4.66 -4.65 -0.98
N ASN A 44 4.87 -3.70 -0.06
CA ASN A 44 5.47 -2.41 -0.37
C ASN A 44 6.76 -2.15 0.38
N ALA A 45 7.39 -3.19 0.93
CA ALA A 45 8.51 -3.00 1.83
C ALA A 45 9.83 -3.13 1.10
N ASN A 46 10.85 -2.54 1.71
CA ASN A 46 12.22 -2.78 1.25
C ASN A 46 12.56 -4.25 1.39
N LYS A 47 13.45 -4.73 0.50
CA LYS A 47 13.77 -6.14 0.46
C LYS A 47 14.45 -6.64 1.73
N ASN A 48 15.07 -5.75 2.50
CA ASN A 48 15.79 -6.19 3.70
C ASN A 48 14.89 -6.34 4.92
N GLU A 49 13.70 -5.75 4.92
CA GLU A 49 12.80 -6.00 6.03
C GLU A 49 11.87 -7.18 5.79
N ILE A 50 11.87 -7.74 4.58
CA ILE A 50 10.99 -8.87 4.27
C ILE A 50 11.16 -10.05 5.22
N PRO A 51 12.38 -10.50 5.57
CA PRO A 51 12.52 -11.64 6.49
C PRO A 51 11.83 -11.45 7.84
N GLN A 52 12.05 -10.32 8.51
CA GLN A 52 11.35 -10.04 9.76
C GLN A 52 9.83 -10.03 9.56
N LEU A 53 9.37 -9.38 8.49
CA LEU A 53 7.93 -9.21 8.28
C LEU A 53 7.23 -10.54 8.09
N VAL A 54 7.88 -11.48 7.41
CA VAL A 54 7.28 -12.78 7.17
C VAL A 54 7.18 -13.59 8.46
N GLY A 55 8.24 -13.58 9.27
CA GLY A 55 8.19 -14.28 10.55
C GLY A 55 7.16 -13.69 11.50
N GLU A 56 6.98 -12.36 11.45
CA GLU A 56 5.96 -11.73 12.29
C GLU A 56 4.56 -12.12 11.83
N ILE A 57 4.36 -12.27 10.52
CA ILE A 57 3.05 -12.65 10.02
C ILE A 57 2.71 -14.07 10.45
N TYR A 58 3.69 -14.98 10.42
CA TYR A 58 3.42 -16.37 10.78
C TYR A 58 3.35 -16.57 12.28
N GLN A 59 3.82 -15.63 13.09
CA GLN A 59 3.73 -15.78 14.54
C GLN A 59 2.51 -15.08 15.11
N ASN A 60 2.34 -13.79 14.81
CA ASN A 60 1.18 -13.04 15.29
C ASN A 60 -0.13 -13.65 14.79
N PHE A 61 -0.12 -14.16 13.58
CA PHE A 61 -1.23 -14.89 13.01
C PHE A 61 -0.69 -16.28 12.73
N PHE A 62 -1.58 -17.27 12.69
CA PHE A 62 -1.20 -18.66 12.52
C PHE A 62 -0.46 -19.30 13.69
N VAL A 63 0.04 -18.52 14.66
CA VAL A 63 0.66 -19.15 15.83
C VAL A 63 0.12 -18.59 17.13
N GLU A 64 0.44 -17.32 17.43
CA GLU A 64 -0.03 -16.73 18.67
C GLU A 64 -1.52 -16.42 18.64
N SER A 65 -2.07 -16.17 17.45
CA SER A 65 -3.51 -16.11 17.21
C SER A 65 -3.85 -17.09 16.10
N LYS A 66 -5.09 -17.56 16.07
CA LYS A 66 -5.54 -18.51 15.05
C LYS A 66 -6.92 -18.09 14.52
N GLU A 67 -6.96 -16.96 13.80
CA GLU A 67 -8.21 -16.35 13.37
C GLU A 67 -8.37 -16.25 11.87
N ILE A 68 -7.33 -16.52 11.11
CA ILE A 68 -7.42 -16.44 9.65
C ILE A 68 -7.87 -17.81 9.16
N SER A 69 -8.62 -17.84 8.04
CA SER A 69 -9.26 -19.06 7.56
C SER A 69 -8.53 -19.56 6.32
N VAL A 70 -7.52 -20.39 6.54
CA VAL A 70 -6.88 -21.15 5.48
C VAL A 70 -7.04 -22.65 5.66
N GLU A 71 -7.34 -23.12 6.88
CA GLU A 71 -7.46 -24.54 7.25
C GLU A 71 -6.11 -25.20 7.00
N LYS A 72 -6.00 -26.25 6.16
CA LYS A 72 -4.78 -27.02 6.03
C LYS A 72 -4.20 -27.08 4.61
N SER A 73 -5.00 -26.78 3.58
CA SER A 73 -4.49 -26.96 2.22
C SER A 73 -3.34 -26.01 1.93
N LEU A 74 -3.52 -24.71 2.21
CA LEU A 74 -2.49 -23.70 1.93
C LEU A 74 -1.52 -23.53 3.06
N TYR A 75 -1.79 -24.14 4.22
CA TYR A 75 -0.91 -24.00 5.37
C TYR A 75 0.48 -24.54 5.06
N LYS A 76 0.55 -25.63 4.30
CA LYS A 76 1.82 -26.16 3.86
C LYS A 76 2.60 -25.13 3.05
N GLU A 77 1.91 -24.43 2.14
CA GLU A 77 2.57 -23.37 1.38
C GLU A 77 3.17 -22.29 2.29
N ILE A 78 2.49 -21.95 3.39
CA ILE A 78 3.05 -21.00 4.34
C ILE A 78 4.37 -21.51 4.90
N GLN A 79 4.37 -22.77 5.37
CA GLN A 79 5.58 -23.32 5.95
C GLN A 79 6.66 -23.45 4.89
N GLN A 80 6.27 -23.70 3.67
CA GLN A 80 7.26 -23.88 2.63
C GLN A 80 7.82 -22.53 2.18
N ALA A 81 7.08 -21.45 2.44
CA ALA A 81 7.57 -20.10 2.19
C ALA A 81 8.43 -19.59 3.32
N LEU A 82 8.18 -20.07 4.54
CA LEU A 82 9.01 -19.72 5.69
C LEU A 82 10.39 -20.33 5.59
N VAL A 83 10.48 -21.52 4.98
CA VAL A 83 11.76 -22.19 4.89
C VAL A 83 12.55 -21.64 3.71
N GLY A 84 11.87 -21.13 2.69
CA GLY A 84 12.54 -20.60 1.52
C GLY A 84 12.35 -21.38 0.23
N ASN A 85 11.58 -22.46 0.22
CA ASN A 85 11.31 -23.15 -1.04
C ASN A 85 10.40 -22.31 -1.92
N LYS A 86 9.17 -22.06 -1.46
CA LYS A 86 8.26 -21.22 -2.20
C LYS A 86 8.51 -19.76 -1.83
N GLY A 87 7.81 -18.86 -2.52
CA GLY A 87 7.92 -17.44 -2.26
C GLY A 87 6.81 -16.95 -1.35
N ILE A 88 6.72 -15.62 -1.24
CA ILE A 88 5.79 -15.00 -0.31
C ILE A 88 4.46 -14.75 -0.99
N GLU A 89 4.29 -15.28 -2.20
CA GLU A 89 3.01 -15.13 -2.91
C GLU A 89 1.85 -15.81 -2.19
N VAL A 90 2.12 -16.81 -1.33
CA VAL A 90 1.05 -17.44 -0.58
C VAL A 90 0.36 -16.41 0.32
N PHE A 91 1.13 -15.49 0.89
CA PHE A 91 0.55 -14.47 1.75
C PHE A 91 -0.28 -13.49 0.95
N TYR A 92 0.06 -13.28 -0.32
CA TYR A 92 -0.70 -12.35 -1.15
C TYR A 92 -2.04 -12.93 -1.54
N LYS A 93 -2.10 -14.26 -1.73
CA LYS A 93 -3.37 -14.92 -2.04
C LYS A 93 -4.26 -14.99 -0.82
N ILE A 94 -3.68 -15.31 0.35
CA ILE A 94 -4.45 -15.29 1.60
C ILE A 94 -4.96 -13.88 1.88
N GLN A 95 -4.19 -12.85 1.51
CA GLN A 95 -4.66 -11.49 1.73
C GLN A 95 -5.87 -11.17 0.84
N GLU A 96 -5.91 -11.72 -0.37
CA GLU A 96 -7.09 -11.54 -1.21
C GLU A 96 -8.30 -12.24 -0.61
N ASP A 97 -8.12 -13.43 -0.03
CA ASP A 97 -9.26 -14.12 0.59
C ASP A 97 -9.73 -13.39 1.85
N VAL A 98 -8.81 -12.81 2.62
CA VAL A 98 -9.23 -12.05 3.77
C VAL A 98 -9.88 -10.74 3.35
N TYR A 99 -9.47 -10.18 2.22
CA TYR A 99 -10.08 -8.95 1.73
C TYR A 99 -11.53 -9.19 1.34
N GLU A 100 -11.81 -10.29 0.65
CA GLU A 100 -13.19 -10.58 0.27
C GLU A 100 -14.06 -10.83 1.49
N THR A 101 -13.46 -11.40 2.54
CA THR A 101 -14.20 -11.64 3.79
C THR A 101 -14.57 -10.33 4.48
N LEU A 102 -13.60 -9.43 4.63
CA LEU A 102 -13.89 -8.12 5.18
C LEU A 102 -14.90 -7.38 4.33
N LYS A 103 -14.82 -7.53 3.01
CA LYS A 103 -15.68 -6.78 2.12
C LYS A 103 -17.12 -7.31 2.16
N ASP A 104 -17.28 -8.64 2.20
CA ASP A 104 -18.62 -9.25 2.10
C ASP A 104 -19.34 -9.38 3.43
N ARG A 105 -18.62 -9.64 4.54
CA ARG A 105 -19.32 -9.84 5.80
C ARG A 105 -18.96 -8.86 6.90
N TYR A 106 -18.06 -7.90 6.66
CA TYR A 106 -17.81 -6.93 7.73
C TYR A 106 -18.03 -5.50 7.28
N TYR A 107 -17.71 -5.18 6.03
CA TYR A 107 -18.01 -3.85 5.50
C TYR A 107 -19.51 -3.51 5.48
N PRO A 108 -20.42 -4.41 5.09
CA PRO A 108 -21.85 -4.03 5.13
C PRO A 108 -22.35 -3.62 6.49
N SER A 109 -21.81 -4.22 7.55
CA SER A 109 -22.15 -3.79 8.90
C SER A 109 -21.47 -2.47 9.23
N PHE A 110 -20.27 -2.24 8.67
CA PHE A 110 -19.48 -1.05 8.96
C PHE A 110 -20.13 0.21 8.40
N ILE A 111 -20.80 0.10 7.26
CA ILE A 111 -21.39 1.29 6.62
C ILE A 111 -22.64 1.81 7.32
N VAL A 112 -23.16 1.12 8.34
CA VAL A 112 -24.26 1.66 9.12
C VAL A 112 -23.83 2.08 10.52
N SER A 113 -22.56 1.93 10.85
CA SER A 113 -21.99 2.41 12.10
C SER A 113 -21.56 3.88 11.97
N ASP A 114 -21.30 4.51 13.12
CA ASP A 114 -20.88 5.91 13.10
C ASP A 114 -19.39 6.05 12.77
N LEU A 115 -18.63 4.96 12.82
CA LEU A 115 -17.24 5.00 12.40
C LEU A 115 -17.09 5.16 10.89
N TYR A 116 -18.14 4.88 10.12
CA TYR A 116 -18.18 5.15 8.68
C TYR A 116 -18.98 6.40 8.34
N GLU A 117 -20.12 6.61 9.00
CA GLU A 117 -21.07 7.63 8.56
C GLU A 117 -20.60 9.05 8.87
N LYS A 118 -19.68 9.21 9.82
CA LYS A 118 -19.17 10.54 10.18
C LYS A 118 -17.90 10.91 9.43
N LEU A 119 -17.25 9.96 8.76
CA LEU A 119 -16.06 10.24 7.93
C LEU A 119 -16.34 11.32 6.88
N LYS B 3 -9.25 -7.89 -22.33
CA LYS B 3 -8.34 -7.30 -21.37
C LYS B 3 -8.41 -5.79 -21.39
N ILE B 4 -9.28 -5.22 -20.55
CA ILE B 4 -9.35 -3.79 -20.33
C ILE B 4 -8.63 -3.48 -19.02
N LEU B 5 -7.53 -2.72 -19.09
CA LEU B 5 -6.67 -2.43 -17.95
C LEU B 5 -6.94 -1.01 -17.47
N GLN B 6 -7.53 -0.89 -16.29
CA GLN B 6 -7.69 0.42 -15.66
C GLN B 6 -6.37 0.85 -15.03
N PHE B 7 -6.21 2.17 -14.90
CA PHE B 7 -4.95 2.71 -14.41
C PHE B 7 -4.66 2.27 -12.98
N GLU B 8 -5.70 2.12 -12.16
CA GLU B 8 -5.51 1.60 -10.79
C GLU B 8 -4.83 0.24 -10.80
N ASP B 9 -5.24 -0.65 -11.72
CA ASP B 9 -4.59 -1.96 -11.84
C ASP B 9 -3.13 -1.81 -12.21
N ILE B 10 -2.79 -0.81 -13.03
CA ILE B 10 -1.41 -0.65 -13.50
C ILE B 10 -0.47 -0.43 -12.32
N LEU B 11 -0.79 0.54 -11.46
CA LEU B 11 0.05 0.81 -10.31
C LEU B 11 -0.02 -0.31 -9.27
N ALA B 12 -1.11 -1.08 -9.26
CA ALA B 12 -1.28 -2.10 -8.22
C ALA B 12 -0.54 -3.39 -8.53
N ASN B 13 -0.33 -3.71 -9.80
CA ASN B 13 0.42 -4.90 -10.19
C ASN B 13 1.87 -4.49 -10.40
N THR B 14 2.79 -5.20 -9.74
CA THR B 14 4.20 -4.87 -9.81
C THR B 14 4.78 -5.11 -11.19
N PHE B 15 4.29 -6.13 -11.90
CA PHE B 15 4.73 -6.36 -13.28
C PHE B 15 4.20 -5.28 -14.21
N TYR B 16 2.95 -4.85 -14.00
CA TYR B 16 2.40 -3.73 -14.75
C TYR B 16 3.14 -2.45 -14.41
N ARG B 17 3.35 -2.17 -13.12
CA ARG B 17 4.05 -0.97 -12.69
C ARG B 17 5.48 -0.91 -13.23
N GLU B 18 6.13 -2.06 -13.35
CA GLU B 18 7.50 -2.09 -13.85
C GLU B 18 7.55 -1.64 -15.31
N HIS B 19 6.51 -1.98 -16.08
CA HIS B 19 6.48 -1.58 -17.49
C HIS B 19 6.08 -0.13 -17.65
N PHE B 20 5.19 0.38 -16.79
CA PHE B 20 4.94 1.81 -16.78
C PHE B 20 6.19 2.57 -16.36
N GLY B 21 6.96 2.00 -15.42
CA GLY B 21 8.17 2.65 -14.98
C GLY B 21 9.24 2.68 -16.06
N MET B 22 9.32 1.62 -16.87
CA MET B 22 10.27 1.60 -17.97
C MET B 22 9.95 2.70 -18.97
N TYR B 23 8.65 2.95 -19.21
CA TYR B 23 8.24 3.98 -20.14
C TYR B 23 8.54 5.37 -19.60
N MET B 24 8.32 5.58 -18.30
CA MET B 24 8.65 6.86 -17.66
C MET B 24 10.14 7.10 -17.62
N GLU B 25 10.95 6.03 -17.68
CA GLU B 25 12.40 6.19 -17.74
C GLU B 25 12.88 6.69 -19.10
N ARG B 26 12.12 6.47 -20.17
CA ARG B 26 12.51 7.05 -21.47
C ARG B 26 12.52 8.55 -21.40
N MET B 27 11.72 9.15 -20.50
CA MET B 27 11.73 10.58 -20.29
C MET B 27 12.39 10.96 -18.96
N ASP B 28 13.10 10.02 -18.35
CA ASP B 28 13.70 10.19 -17.02
C ASP B 28 12.70 10.73 -16.01
N LYS B 29 11.51 10.12 -16.00
CA LYS B 29 10.45 10.53 -15.09
C LYS B 29 9.99 9.40 -14.17
N ARG B 30 10.79 8.34 -14.04
CA ARG B 30 10.44 7.24 -13.13
C ARG B 30 10.41 7.67 -11.67
N ALA B 31 11.01 8.81 -11.32
CA ALA B 31 10.91 9.33 -9.97
C ALA B 31 9.46 9.51 -9.54
N LEU B 32 8.56 9.76 -10.50
CA LEU B 32 7.15 9.93 -10.16
C LEU B 32 6.52 8.64 -9.68
N ILE B 33 6.91 7.50 -10.27
CA ILE B 33 6.39 6.23 -9.78
C ILE B 33 7.10 5.81 -8.50
N SER B 34 8.41 6.06 -8.41
CA SER B 34 9.13 5.66 -7.20
C SER B 34 8.67 6.46 -5.99
N PHE B 35 8.23 7.71 -6.19
CA PHE B 35 7.70 8.48 -5.06
C PHE B 35 6.34 7.93 -4.63
N TRP B 36 5.50 7.55 -5.60
CA TRP B 36 4.22 6.94 -5.27
C TRP B 36 4.43 5.64 -4.47
N GLU B 37 5.39 4.81 -4.89
CA GLU B 37 5.73 3.59 -4.16
C GLU B 37 6.25 3.90 -2.76
N SER B 38 7.11 4.91 -2.64
CA SER B 38 7.64 5.26 -1.34
C SER B 38 6.55 5.71 -0.37
N VAL B 39 5.52 6.39 -0.87
CA VAL B 39 4.43 6.78 0.01
C VAL B 39 3.49 5.60 0.27
N GLU B 40 3.40 4.63 -0.65
CA GLU B 40 2.64 3.43 -0.35
C GLU B 40 3.27 2.67 0.79
N HIS B 41 4.61 2.67 0.86
CA HIS B 41 5.30 2.09 2.01
C HIS B 41 4.98 2.85 3.30
N LEU B 42 5.07 4.19 3.25
CA LEU B 42 4.78 5.02 4.43
C LEU B 42 3.39 4.75 4.99
N LYS B 43 2.40 4.56 4.10
CA LYS B 43 1.04 4.31 4.56
C LYS B 43 0.95 3.04 5.39
N ASN B 44 1.83 2.07 5.14
CA ASN B 44 1.72 0.75 5.75
C ASN B 44 2.92 0.41 6.62
N ALA B 45 3.80 1.36 6.87
CA ALA B 45 5.02 1.10 7.62
C ALA B 45 4.76 1.18 9.12
N ASN B 46 5.65 0.52 9.87
CA ASN B 46 5.66 0.63 11.32
C ASN B 46 6.21 1.98 11.73
N LYS B 47 5.65 2.55 12.80
CA LYS B 47 6.03 3.89 13.25
C LYS B 47 7.53 4.03 13.50
N ASN B 48 8.24 2.91 13.68
CA ASN B 48 9.68 2.97 13.94
C ASN B 48 10.48 3.41 12.71
N GLU B 49 9.99 3.10 11.51
CA GLU B 49 10.71 3.47 10.29
C GLU B 49 10.14 4.69 9.62
N ILE B 50 9.07 5.29 10.17
CA ILE B 50 8.53 6.51 9.58
C ILE B 50 9.60 7.61 9.50
N PRO B 51 10.34 7.95 10.56
CA PRO B 51 11.36 9.02 10.44
C PRO B 51 12.39 8.77 9.37
N GLN B 52 12.91 7.55 9.26
CA GLN B 52 13.87 7.24 8.21
C GLN B 52 13.24 7.30 6.82
N LEU B 53 12.00 6.80 6.69
CA LEU B 53 11.31 6.82 5.40
C LEU B 53 11.03 8.25 4.94
N VAL B 54 10.66 9.13 5.88
CA VAL B 54 10.32 10.49 5.49
C VAL B 54 11.55 11.26 5.06
N GLY B 55 12.69 11.03 5.73
CA GLY B 55 13.92 11.70 5.35
C GLY B 55 14.41 11.30 3.96
N GLU B 56 14.29 10.01 3.62
CA GLU B 56 14.79 9.58 2.33
C GLU B 56 13.86 10.00 1.19
N ILE B 57 12.57 10.16 1.46
CA ILE B 57 11.66 10.68 0.43
C ILE B 57 12.00 12.14 0.12
N TYR B 58 12.22 12.95 1.16
CA TYR B 58 12.63 14.33 0.95
C TYR B 58 13.92 14.40 0.16
N GLN B 59 14.93 13.64 0.59
CA GLN B 59 16.23 13.69 -0.09
C GLN B 59 16.14 13.17 -1.51
N ASN B 60 15.53 12.00 -1.72
CA ASN B 60 15.53 11.41 -3.06
C ASN B 60 14.60 12.10 -4.04
N PHE B 61 13.52 12.74 -3.57
CA PHE B 61 12.50 13.23 -4.48
C PHE B 61 12.26 14.72 -4.43
N PHE B 62 12.84 15.43 -3.45
CA PHE B 62 12.72 16.87 -3.40
C PHE B 62 14.04 17.60 -3.29
N VAL B 63 15.16 16.88 -3.17
CA VAL B 63 16.48 17.49 -3.09
C VAL B 63 17.33 16.99 -4.27
N GLU B 64 17.53 15.67 -4.32
CA GLU B 64 18.26 15.04 -5.42
C GLU B 64 17.42 14.93 -6.68
N SER B 65 16.13 15.25 -6.60
CA SER B 65 15.26 15.26 -7.76
C SER B 65 14.26 16.39 -7.55
N LYS B 66 13.86 17.02 -8.65
CA LYS B 66 12.86 18.08 -8.57
C LYS B 66 11.75 17.82 -9.57
N GLU B 67 11.47 16.53 -9.85
CA GLU B 67 10.43 16.13 -10.79
C GLU B 67 9.03 16.21 -10.18
N ILE B 68 8.92 16.18 -8.87
CA ILE B 68 7.63 16.29 -8.19
C ILE B 68 7.43 17.77 -7.85
N SER B 69 6.51 18.42 -8.56
CA SER B 69 6.25 19.84 -8.33
C SER B 69 5.25 19.99 -7.19
N VAL B 70 5.63 20.78 -6.18
CA VAL B 70 4.81 20.94 -4.99
C VAL B 70 4.54 22.42 -4.79
N GLU B 71 3.28 22.76 -4.52
CA GLU B 71 2.91 24.12 -4.14
C GLU B 71 3.71 24.53 -2.90
N LYS B 72 4.02 25.83 -2.82
CA LYS B 72 4.83 26.34 -1.71
C LYS B 72 4.23 26.00 -0.35
N SER B 73 2.90 26.01 -0.23
CA SER B 73 2.27 25.70 1.05
C SER B 73 2.62 24.28 1.50
N LEU B 74 2.45 23.31 0.62
CA LEU B 74 2.74 21.92 0.96
C LEU B 74 4.22 21.65 1.10
N TYR B 75 5.07 22.39 0.37
CA TYR B 75 6.51 22.27 0.57
C TYR B 75 6.87 22.66 2.00
N LYS B 76 6.26 23.72 2.51
CA LYS B 76 6.50 24.07 3.91
C LYS B 76 6.07 22.94 4.83
N GLU B 77 4.89 22.35 4.58
CA GLU B 77 4.40 21.25 5.40
C GLU B 77 5.38 20.08 5.41
N ILE B 78 6.05 19.83 4.28
CA ILE B 78 7.08 18.81 4.24
C ILE B 78 8.18 19.12 5.24
N GLN B 79 8.62 20.39 5.25
CA GLN B 79 9.63 20.82 6.21
C GLN B 79 9.15 20.64 7.65
N GLN B 80 7.90 20.99 7.94
CA GLN B 80 7.35 20.80 9.28
C GLN B 80 7.30 19.32 9.64
N ALA B 81 7.02 18.47 8.67
CA ALA B 81 6.94 17.03 8.93
C ALA B 81 8.31 16.45 9.26
N LEU B 82 9.38 16.97 8.64
CA LEU B 82 10.69 16.36 8.83
C LEU B 82 11.18 16.57 10.25
N VAL B 83 10.82 17.69 10.87
CA VAL B 83 11.35 18.05 12.18
C VAL B 83 10.95 17.03 13.23
N GLY B 84 9.67 16.69 13.28
CA GLY B 84 9.18 15.65 14.17
C GLY B 84 8.66 14.48 13.36
N ASN B 85 7.69 13.76 13.95
CA ASN B 85 6.82 12.95 13.12
C ASN B 85 5.80 13.85 12.44
N LYS B 86 5.23 14.78 13.21
CA LYS B 86 4.32 15.85 12.72
C LYS B 86 3.29 15.23 11.78
N GLY B 87 2.99 15.85 10.65
CA GLY B 87 2.04 15.28 9.73
C GLY B 87 2.74 14.72 8.52
N ILE B 88 2.77 13.40 8.40
CA ILE B 88 3.15 12.77 7.14
C ILE B 88 2.01 12.83 6.14
N GLU B 89 0.85 13.36 6.54
CA GLU B 89 -0.32 13.38 5.67
C GLU B 89 -0.08 14.21 4.42
N VAL B 90 0.83 15.18 4.48
CA VAL B 90 1.16 15.96 3.30
C VAL B 90 1.67 15.05 2.21
N PHE B 91 2.37 13.98 2.59
CA PHE B 91 2.91 13.06 1.60
C PHE B 91 1.80 12.29 0.91
N TYR B 92 0.71 12.00 1.62
CA TYR B 92 -0.46 11.37 0.99
C TYR B 92 -1.15 12.31 0.02
N LYS B 93 -1.15 13.61 0.31
CA LYS B 93 -1.75 14.58 -0.59
C LYS B 93 -0.94 14.70 -1.88
N ILE B 94 0.40 14.75 -1.78
CA ILE B 94 1.22 14.83 -2.98
C ILE B 94 1.17 13.53 -3.76
N GLN B 95 1.03 12.40 -3.06
CA GLN B 95 0.82 11.13 -3.73
C GLN B 95 -0.44 11.15 -4.57
N GLU B 96 -1.52 11.73 -4.06
CA GLU B 96 -2.75 11.85 -4.83
C GLU B 96 -2.54 12.73 -6.04
N ASP B 97 -1.78 13.81 -5.88
CA ASP B 97 -1.47 14.68 -7.01
C ASP B 97 -0.56 13.97 -8.02
N VAL B 98 0.42 13.20 -7.54
CA VAL B 98 1.28 12.48 -8.47
C VAL B 98 0.50 11.39 -9.18
N TYR B 99 -0.45 10.76 -8.49
CA TYR B 99 -1.32 9.76 -9.11
C TYR B 99 -2.11 10.37 -10.28
N GLU B 100 -2.74 11.52 -10.05
CA GLU B 100 -3.54 12.17 -11.10
C GLU B 100 -2.67 12.59 -12.29
N THR B 101 -1.47 13.10 -12.03
CA THR B 101 -0.55 13.48 -13.09
C THR B 101 -0.15 12.28 -13.94
N LEU B 102 0.20 11.17 -13.28
CA LEU B 102 0.53 9.94 -14.00
C LEU B 102 -0.67 9.46 -14.81
N LYS B 103 -1.87 9.64 -14.29
CA LYS B 103 -3.05 9.15 -14.98
C LYS B 103 -3.39 10.02 -16.19
N ASP B 104 -3.41 11.35 -16.02
CA ASP B 104 -3.95 12.21 -17.07
C ASP B 104 -2.90 12.67 -18.07
N ARG B 105 -1.63 12.80 -17.66
CA ARG B 105 -0.58 13.30 -18.51
C ARG B 105 0.29 12.20 -19.14
N TYR B 106 0.59 11.13 -18.43
CA TYR B 106 1.53 10.13 -18.93
C TYR B 106 0.91 8.79 -19.30
N TYR B 107 -0.14 8.34 -18.60
CA TYR B 107 -0.74 7.06 -18.94
C TYR B 107 -1.34 6.99 -20.34
N PRO B 108 -2.05 8.03 -20.85
CA PRO B 108 -2.59 7.94 -22.22
C PRO B 108 -1.57 7.57 -23.28
N SER B 109 -0.35 8.08 -23.17
CA SER B 109 0.67 7.78 -24.17
C SER B 109 1.36 6.45 -23.92
N PHE B 110 1.31 5.93 -22.69
CA PHE B 110 1.84 4.59 -22.44
C PHE B 110 0.98 3.54 -23.13
N ILE B 111 -0.30 3.85 -23.32
CA ILE B 111 -1.24 2.92 -23.93
C ILE B 111 -0.87 2.66 -25.40
N VAL B 112 -0.32 3.66 -26.08
CA VAL B 112 0.11 3.53 -27.49
C VAL B 112 1.59 3.18 -27.61
N SER B 113 2.22 2.75 -26.52
CA SER B 113 3.60 2.26 -26.51
C SER B 113 3.63 0.75 -26.69
N ASP B 114 4.84 0.24 -26.99
CA ASP B 114 5.03 -1.19 -27.16
C ASP B 114 5.03 -1.93 -25.83
N LEU B 115 5.27 -1.23 -24.73
CA LEU B 115 5.20 -1.86 -23.41
C LEU B 115 3.77 -2.22 -23.05
N TYR B 116 2.81 -1.34 -23.39
CA TYR B 116 1.41 -1.62 -23.11
C TYR B 116 0.90 -2.81 -23.88
N GLU B 117 1.19 -2.87 -25.19
CA GLU B 117 0.71 -3.99 -25.98
C GLU B 117 1.30 -5.32 -25.51
N LYS B 118 2.40 -5.28 -24.75
CA LYS B 118 2.98 -6.49 -24.19
C LYS B 118 2.15 -7.04 -23.02
N LEU B 119 1.70 -6.17 -22.11
CA LEU B 119 0.99 -6.64 -20.94
C LEU B 119 -0.31 -7.39 -21.22
ZN ZN C . 8.64 -1.03 6.02
N LEU D . -1.00 -5.94 -23.56
CA LEU D . -2.42 -6.30 -23.62
C LEU D . -2.77 -7.42 -24.60
O LEU D . -2.26 -8.53 -24.47
CB LEU D . -3.16 -5.06 -23.95
CG LEU D . -4.56 -5.16 -24.44
CD1 LEU D . -5.36 -3.99 -23.88
CD2 LEU D . -4.21 -5.03 -25.90
C ACT E . 1.07 -1.24 11.17
O ACT E . 1.65 -2.14 10.49
OXT ACT E . 1.50 -0.09 11.47
CH3 ACT E . -0.38 -1.58 11.72
#